data_5CAX
#
_entry.id   5CAX
#
_cell.length_a   59.154
_cell.length_b   59.154
_cell.length_c   172.978
_cell.angle_alpha   90.00
_cell.angle_beta   90.00
_cell.angle_gamma   90.00
#
_symmetry.space_group_name_H-M   'P 41'
#
loop_
_entity.id
_entity.type
_entity.pdbx_description
1 polymer Glutaredoxin
2 non-polymer 'CADMIUM ION'
3 non-polymer 'ACETIC ACID'
4 non-polymer 'SULFATE ION'
5 water water
#
_entity_poly.entity_id   1
_entity_poly.type   'polypeptide(L)'
_entity_poly.pdbx_seq_one_letter_code
;MNIFSKDTDKGKHVSGIDRGKIVMYGLSTCVWCKKTKKLLTDLGVDFEYVFVDLLEEEEKSNAIKQVSRFNPSVSFPTTI
LNDEKAIVGFKEKQIREALGF
;
_entity_poly.pdbx_strand_id   A,B,C,D
#
# COMPACT_ATOMS: atom_id res chain seq x y z
N LYS A 6 1.81 8.70 13.50
CA LYS A 6 0.47 8.12 13.41
C LYS A 6 -0.24 8.88 12.31
N ASP A 7 -0.07 8.43 11.07
CA ASP A 7 0.21 7.05 10.78
C ASP A 7 1.69 6.68 10.84
N THR A 8 1.88 5.37 10.92
CA THR A 8 3.17 4.79 10.68
C THR A 8 3.32 4.60 9.15
N ASP A 9 2.61 5.40 8.34
CA ASP A 9 2.87 5.38 6.89
C ASP A 9 3.63 6.56 6.25
N LYS A 10 4.34 6.30 5.15
CA LYS A 10 4.74 7.36 4.20
C LYS A 10 5.36 6.81 2.95
N GLY A 11 6.68 6.72 2.89
CA GLY A 11 7.37 6.43 1.66
C GLY A 11 8.19 5.16 1.62
N LYS A 12 7.49 4.07 1.83
CA LYS A 12 8.02 2.71 1.86
C LYS A 12 9.16 2.31 0.88
N HIS A 13 10.38 2.80 1.13
CA HIS A 13 11.55 2.37 0.33
C HIS A 13 11.83 0.89 0.51
N VAL A 14 10.90 0.05 0.09
CA VAL A 14 10.93 -1.35 0.47
C VAL A 14 10.47 -2.33 -0.62
N SER A 15 11.36 -3.22 -1.13
CA SER A 15 12.47 -3.99 -0.50
C SER A 15 11.78 -4.99 0.41
N GLY A 16 12.51 -5.88 1.07
CA GLY A 16 11.85 -7.06 1.60
C GLY A 16 12.61 -7.73 2.70
N ILE A 17 12.54 -9.04 2.80
CA ILE A 17 13.06 -9.74 3.96
C ILE A 17 12.25 -9.23 5.14
N ASP A 18 11.30 -10.04 5.56
CA ASP A 18 10.45 -9.63 6.62
C ASP A 18 11.10 -9.82 7.96
N ARG A 19 11.33 -8.68 8.60
CA ARG A 19 11.90 -8.62 9.93
C ARG A 19 11.02 -7.77 10.82
N GLY A 20 9.71 -7.96 10.72
CA GLY A 20 8.78 -7.27 11.58
C GLY A 20 8.37 -5.93 11.06
N LYS A 21 7.82 -5.12 11.95
CA LYS A 21 7.37 -3.78 11.59
C LYS A 21 8.45 -2.73 11.92
N ILE A 22 8.97 -2.12 10.87
CA ILE A 22 10.05 -1.19 11.02
C ILE A 22 9.61 0.12 10.39
N VAL A 23 9.51 1.17 11.20
CA VAL A 23 9.12 2.48 10.73
C VAL A 23 10.12 3.54 11.19
N MET A 24 10.75 4.22 10.24
CA MET A 24 11.68 5.28 10.61
C MET A 24 11.11 6.68 10.40
N TYR A 25 11.17 7.50 11.44
CA TYR A 25 10.79 8.89 11.34
C TYR A 25 12.04 9.73 11.23
N GLY A 26 12.11 10.54 10.19
CA GLY A 26 13.28 11.39 10.01
C GLY A 26 12.98 12.78 9.49
N LEU A 27 14.05 13.57 9.31
CA LEU A 27 13.94 14.85 8.64
C LEU A 27 14.71 14.76 7.33
N SER A 28 14.11 15.24 6.24
CA SER A 28 14.68 15.09 4.89
C SER A 28 15.98 15.89 4.74
N THR A 29 16.16 16.84 5.65
CA THR A 29 17.25 17.80 5.58
C THR A 29 18.40 17.44 6.51
N CYS A 30 18.38 16.24 7.07
CA CYS A 30 19.41 15.86 8.01
C CYS A 30 20.20 14.61 7.58
N VAL A 31 21.53 14.70 7.69
CA VAL A 31 22.44 13.69 7.21
C VAL A 31 22.28 12.31 7.87
N TRP A 32 22.13 12.27 9.19
CA TRP A 32 22.09 11.01 9.94
C TRP A 32 20.73 10.34 9.87
N CYS A 33 19.69 11.14 9.69
CA CYS A 33 18.37 10.62 9.36
C CYS A 33 18.39 9.86 8.03
N LYS A 34 18.98 10.49 7.02
CA LYS A 34 19.08 9.89 5.69
C LYS A 34 20.03 8.69 5.71
N LYS A 35 21.10 8.81 6.50
CA LYS A 35 22.02 7.68 6.69
C LYS A 35 21.34 6.48 7.34
N THR A 36 20.37 6.75 8.22
CA THR A 36 19.61 5.68 8.85
C THR A 36 18.74 4.92 7.83
N LYS A 37 17.96 5.65 7.02
CA LYS A 37 17.13 4.97 6.02
C LYS A 37 17.95 4.29 4.94
N LYS A 38 19.09 4.89 4.59
CA LYS A 38 20.04 4.28 3.66
C LYS A 38 20.60 3.00 4.24
N LEU A 39 20.80 2.98 5.56
CA LEU A 39 21.29 1.78 6.24
C LEU A 39 20.26 0.67 6.17
N LEU A 40 19.02 1.02 6.49
CA LEU A 40 17.88 0.13 6.39
C LEU A 40 17.74 -0.36 4.94
N THR A 41 17.96 0.52 3.98
CA THR A 41 17.95 0.12 2.56
C THR A 41 19.10 -0.82 2.23
N ASP A 42 20.28 -0.54 2.78
CA ASP A 42 21.45 -1.39 2.58
C ASP A 42 21.21 -2.78 3.20
N LEU A 43 20.58 -2.81 4.37
CA LEU A 43 20.25 -4.07 5.03
C LEU A 43 19.26 -4.90 4.22
N GLY A 44 18.55 -4.24 3.32
CA GLY A 44 17.65 -4.94 2.42
C GLY A 44 16.42 -5.42 3.14
N VAL A 45 16.09 -4.76 4.25
CA VAL A 45 14.89 -5.10 5.01
C VAL A 45 13.59 -4.40 4.57
N ASP A 46 12.48 -5.01 4.98
CA ASP A 46 11.16 -4.46 4.76
C ASP A 46 10.87 -3.41 5.84
N PHE A 47 10.58 -2.18 5.41
CA PHE A 47 10.30 -1.05 6.32
C PHE A 47 9.57 0.17 5.72
N GLU A 48 9.22 1.12 6.57
CA GLU A 48 8.53 2.32 6.12
C GLU A 48 9.37 3.48 6.57
N TYR A 49 9.43 4.56 5.80
CA TYR A 49 9.97 5.77 6.38
C TYR A 49 9.12 6.99 6.08
N VAL A 50 9.11 7.90 7.05
CA VAL A 50 8.35 9.12 7.06
C VAL A 50 9.29 10.32 7.27
N PHE A 51 9.35 11.21 6.27
CA PHE A 51 10.03 12.49 6.41
C PHE A 51 9.07 13.57 6.93
N VAL A 52 9.10 13.75 8.25
CA VAL A 52 8.21 14.64 8.98
C VAL A 52 8.25 16.10 8.49
N ASP A 53 9.41 16.58 8.08
CA ASP A 53 9.45 17.98 7.64
C ASP A 53 8.64 18.21 6.36
N LEU A 54 8.39 17.13 5.62
CA LEU A 54 7.73 17.22 4.34
C LEU A 54 6.21 16.98 4.44
N LEU A 55 5.76 16.63 5.63
CA LEU A 55 4.34 16.40 5.87
C LEU A 55 3.54 17.70 6.05
N GLU A 56 2.31 17.72 5.53
CA GLU A 56 1.39 18.83 5.79
C GLU A 56 1.17 18.97 7.29
N GLU A 57 0.75 20.16 7.73
CA GLU A 57 0.82 20.54 9.14
C GLU A 57 0.08 19.61 10.11
N GLU A 58 -1.12 19.19 9.76
CA GLU A 58 -1.87 18.32 10.67
C GLU A 58 -1.20 16.95 10.76
N GLU A 59 -0.79 16.42 9.61
CA GLU A 59 -0.10 15.14 9.56
C GLU A 59 1.27 15.25 10.21
N LYS A 60 1.98 16.33 9.89
CA LYS A 60 3.30 16.56 10.49
C LYS A 60 3.19 16.60 12.01
N SER A 61 2.08 17.14 12.50
CA SER A 61 1.83 17.25 13.94
C SER A 61 1.43 15.89 14.51
N ASN A 62 0.77 15.07 13.71
CA ASN A 62 0.45 13.71 14.14
C ASN A 62 1.72 12.88 14.32
N ALA A 63 2.58 12.94 13.31
CA ALA A 63 3.82 12.17 13.30
C ALA A 63 4.72 12.56 14.49
N ILE A 64 4.72 13.84 14.85
CA ILE A 64 5.50 14.31 15.97
C ILE A 64 5.05 13.67 17.29
N LYS A 65 3.72 13.59 17.47
CA LYS A 65 3.08 13.02 18.66
C LYS A 65 3.36 11.52 18.80
N GLN A 66 3.44 10.82 17.68
CA GLN A 66 3.80 9.42 17.69
C GLN A 66 5.25 9.24 18.13
N VAL A 67 6.13 10.04 17.54
CA VAL A 67 7.56 9.96 17.89
C VAL A 67 7.79 10.16 19.39
N SER A 68 7.07 11.10 20.00
CA SER A 68 7.28 11.42 21.41
C SER A 68 6.82 10.30 22.35
N ARG A 69 5.91 9.43 21.90
CA ARG A 69 5.47 8.29 22.71
C ARG A 69 6.63 7.32 22.94
N PHE A 70 7.58 7.28 22.02
CA PHE A 70 8.74 6.38 22.09
C PHE A 70 10.02 7.15 22.40
N ASN A 71 9.97 8.46 22.11
CA ASN A 71 11.12 9.32 22.28
C ASN A 71 10.67 10.69 22.80
N PRO A 72 10.61 10.87 24.13
CA PRO A 72 10.18 12.17 24.67
C PRO A 72 11.06 13.35 24.23
N SER A 73 12.30 13.08 23.83
CA SER A 73 13.18 14.10 23.29
C SER A 73 12.67 14.61 21.97
N VAL A 74 11.89 13.74 21.33
CA VAL A 74 11.38 13.97 19.98
C VAL A 74 12.55 14.36 19.09
N SER A 75 13.61 13.57 19.11
CA SER A 75 14.72 13.85 18.22
C SER A 75 14.64 12.89 17.05
N PHE A 76 15.31 13.22 15.95
CA PHE A 76 15.26 12.35 14.79
C PHE A 76 16.70 12.02 14.44
N PRO A 77 16.97 10.77 13.98
CA PRO A 77 15.95 9.74 13.72
C PRO A 77 15.39 8.93 14.92
N THR A 78 14.12 8.61 14.80
CA THR A 78 13.50 7.66 15.71
C THR A 78 12.93 6.48 14.90
N THR A 79 13.55 5.30 15.05
CA THR A 79 13.03 4.07 14.46
C THR A 79 12.20 3.20 15.42
N ILE A 80 10.96 2.94 15.04
CA ILE A 80 10.03 2.21 15.89
C ILE A 80 9.85 0.75 15.47
N LEU A 81 10.08 -0.18 16.39
CA LEU A 81 9.99 -1.60 16.04
C LEU A 81 8.79 -2.29 16.70
N ASN A 82 7.95 -2.87 15.83
CA ASN A 82 6.75 -3.64 16.23
C ASN A 82 5.78 -2.83 17.05
N ASP A 83 5.83 -1.50 16.87
CA ASP A 83 5.03 -0.61 17.69
C ASP A 83 5.49 -0.75 19.14
N GLU A 84 6.71 -1.22 19.37
CA GLU A 84 7.15 -1.49 20.74
C GLU A 84 8.47 -0.85 21.18
N LYS A 85 9.51 -1.04 20.38
CA LYS A 85 10.84 -0.57 20.74
C LYS A 85 11.22 0.59 19.83
N ALA A 86 12.01 1.50 20.35
CA ALA A 86 12.51 2.59 19.56
C ALA A 86 14.03 2.67 19.66
N ILE A 87 14.64 2.96 18.52
CA ILE A 87 16.06 3.22 18.41
C ILE A 87 16.17 4.69 18.07
N VAL A 88 16.79 5.46 18.97
CA VAL A 88 16.98 6.89 18.79
C VAL A 88 18.40 7.12 18.24
N GLY A 89 18.50 7.81 17.10
CA GLY A 89 19.79 8.06 16.47
C GLY A 89 20.18 7.11 15.35
N PHE A 90 21.22 7.48 14.61
CA PHE A 90 21.80 6.62 13.58
C PHE A 90 22.74 5.61 14.26
N LYS A 91 22.14 4.61 14.91
CA LYS A 91 22.88 3.62 15.68
C LYS A 91 22.92 2.27 14.95
N GLU A 92 23.92 2.11 14.09
CA GLU A 92 24.04 0.96 13.18
C GLU A 92 24.08 -0.43 13.85
N LYS A 93 25.03 -0.66 14.75
CA LYS A 93 25.11 -1.97 15.41
C LYS A 93 23.78 -2.28 16.10
N GLN A 94 23.25 -1.28 16.80
CA GLN A 94 22.00 -1.41 17.52
C GLN A 94 20.85 -1.75 16.58
N ILE A 95 20.79 -1.08 15.44
CA ILE A 95 19.76 -1.40 14.47
C ILE A 95 19.99 -2.79 13.85
N ARG A 96 21.23 -3.06 13.46
CA ARG A 96 21.61 -4.35 12.89
C ARG A 96 21.25 -5.48 13.86
N GLU A 97 21.63 -5.31 15.12
CA GLU A 97 21.40 -6.34 16.11
C GLU A 97 19.90 -6.56 16.30
N ALA A 98 19.14 -5.47 16.28
CA ALA A 98 17.69 -5.54 16.51
C ALA A 98 16.91 -6.13 15.33
N LEU A 99 17.53 -6.18 14.15
CA LEU A 99 16.86 -6.74 13.00
C LEU A 99 17.52 -8.05 12.59
N GLY A 100 18.53 -8.46 13.36
CA GLY A 100 19.20 -9.73 13.13
C GLY A 100 20.41 -9.67 12.23
N PHE A 101 21.20 -8.61 12.35
CA PHE A 101 22.42 -8.52 11.57
C PHE A 101 23.67 -8.31 12.45
N LYS B 6 4.90 -13.33 -4.13
CA LYS B 6 5.44 -11.98 -4.04
C LYS B 6 4.55 -10.88 -3.38
N ASP B 7 4.68 -10.62 -2.08
CA ASP B 7 5.32 -11.54 -1.16
C ASP B 7 4.38 -11.96 -0.02
N THR B 8 3.53 -11.05 0.48
CA THR B 8 2.40 -11.33 1.44
C THR B 8 1.70 -10.12 2.11
N ASP B 9 1.07 -9.37 1.24
CA ASP B 9 0.07 -8.41 1.55
C ASP B 9 -1.09 -9.18 0.98
N LYS B 10 -2.30 -8.80 1.33
CA LYS B 10 -3.42 -9.06 0.45
C LYS B 10 -4.37 -7.96 0.78
N GLY B 11 -5.17 -8.19 1.82
CA GLY B 11 -6.23 -7.28 2.22
C GLY B 11 -5.79 -6.55 3.47
N LYS B 12 -5.82 -5.23 3.44
CA LYS B 12 -5.41 -4.41 4.58
C LYS B 12 -6.54 -3.72 5.33
N HIS B 13 -6.48 -3.79 6.66
CA HIS B 13 -7.33 -3.01 7.54
C HIS B 13 -6.50 -2.01 8.33
N VAL B 14 -7.02 -0.81 8.51
CA VAL B 14 -6.18 0.35 8.79
C VAL B 14 -5.92 0.69 10.27
N SER B 15 -4.81 1.45 10.48
CA SER B 15 -4.23 1.87 11.78
C SER B 15 -5.20 2.26 12.85
N GLY B 16 -6.39 1.69 12.77
CA GLY B 16 -7.17 1.46 13.95
C GLY B 16 -6.09 0.69 14.67
N ILE B 17 -5.80 1.15 15.87
CA ILE B 17 -4.73 0.70 16.73
C ILE B 17 -3.58 -0.12 16.09
N ASP B 18 -2.38 0.41 16.20
CA ASP B 18 -1.21 -0.33 15.76
C ASP B 18 -0.75 -1.18 16.90
N ARG B 19 -0.79 -2.50 16.71
CA ARG B 19 -0.33 -3.46 17.71
C ARG B 19 0.67 -4.40 17.07
N GLY B 20 1.58 -3.84 16.28
CA GLY B 20 2.61 -4.60 15.58
C GLY B 20 2.27 -5.08 14.16
N LYS B 21 3.03 -6.06 13.69
CA LYS B 21 2.86 -6.62 12.35
C LYS B 21 1.99 -7.86 12.46
N ILE B 22 0.79 -7.77 11.91
CA ILE B 22 -0.20 -8.82 12.02
C ILE B 22 -0.62 -9.26 10.65
N VAL B 23 -0.37 -10.53 10.33
CA VAL B 23 -0.80 -11.06 9.06
C VAL B 23 -1.57 -12.34 9.28
N MET B 24 -2.82 -12.40 8.82
CA MET B 24 -3.56 -13.67 8.93
C MET B 24 -3.62 -14.42 7.58
N TYR B 25 -3.24 -15.68 7.61
CA TYR B 25 -3.41 -16.54 6.43
C TYR B 25 -4.63 -17.38 6.65
N GLY B 26 -5.56 -17.32 5.72
CA GLY B 26 -6.76 -18.12 5.85
C GLY B 26 -7.18 -18.72 4.53
N LEU B 27 -8.27 -19.48 4.56
CA LEU B 27 -8.90 -19.92 3.33
C LEU B 27 -10.24 -19.22 3.22
N SER B 28 -10.54 -18.73 2.02
CA SER B 28 -11.71 -17.89 1.80
C SER B 28 -13.02 -18.61 2.12
N THR B 29 -12.99 -19.95 2.18
CA THR B 29 -14.19 -20.76 2.36
C THR B 29 -14.35 -21.34 3.76
N CYS B 30 -13.56 -20.89 4.73
CA CYS B 30 -13.68 -21.45 6.06
C CYS B 30 -14.20 -20.53 7.15
N VAL B 31 -15.11 -21.07 7.93
CA VAL B 31 -15.82 -20.33 8.97
C VAL B 31 -14.89 -19.81 10.08
N TRP B 32 -13.97 -20.63 10.56
CA TRP B 32 -13.08 -20.21 11.65
C TRP B 32 -12.00 -19.28 11.13
N CYS B 33 -11.62 -19.47 9.88
CA CYS B 33 -10.78 -18.51 9.19
C CYS B 33 -11.55 -17.19 9.09
N LYS B 34 -12.83 -17.29 8.77
CA LYS B 34 -13.65 -16.10 8.62
C LYS B 34 -13.92 -15.42 9.94
N LYS B 35 -14.21 -16.21 10.98
CA LYS B 35 -14.42 -15.64 12.30
C LYS B 35 -13.12 -15.06 12.88
N THR B 36 -11.99 -15.65 12.51
CA THR B 36 -10.70 -15.11 12.91
C THR B 36 -10.48 -13.75 12.29
N LYS B 37 -10.72 -13.64 10.99
CA LYS B 37 -10.52 -12.39 10.29
C LYS B 37 -11.47 -11.33 10.84
N LYS B 38 -12.69 -11.75 11.10
CA LYS B 38 -13.70 -10.88 11.69
C LYS B 38 -13.35 -10.47 13.13
N LEU B 39 -12.69 -11.35 13.90
CA LEU B 39 -12.33 -10.98 15.27
C LEU B 39 -11.34 -9.85 15.31
N LEU B 40 -10.32 -9.95 14.46
CA LEU B 40 -9.31 -8.91 14.27
C LEU B 40 -9.93 -7.58 13.83
N THR B 41 -10.93 -7.68 12.95
CA THR B 41 -11.69 -6.54 12.47
C THR B 41 -12.47 -5.88 13.61
N ASP B 42 -13.10 -6.72 14.42
CA ASP B 42 -13.86 -6.23 15.55
C ASP B 42 -13.00 -5.55 16.60
N LEU B 43 -11.81 -6.09 16.87
CA LEU B 43 -10.89 -5.46 17.80
C LEU B 43 -10.41 -4.11 17.25
N GLY B 44 -10.57 -3.90 15.94
CA GLY B 44 -10.26 -2.61 15.35
C GLY B 44 -8.77 -2.35 15.25
N VAL B 45 -7.99 -3.42 15.27
CA VAL B 45 -6.55 -3.33 15.12
C VAL B 45 -6.13 -3.32 13.64
N ASP B 46 -4.92 -2.84 13.40
CA ASP B 46 -4.31 -2.80 12.08
C ASP B 46 -3.73 -4.15 11.64
N PHE B 47 -4.19 -4.71 10.52
CA PHE B 47 -3.64 -6.01 10.13
C PHE B 47 -3.76 -6.39 8.64
N GLU B 48 -3.23 -7.56 8.33
CA GLU B 48 -3.26 -8.10 6.99
C GLU B 48 -3.91 -9.46 7.00
N TYR B 49 -4.73 -9.73 5.99
CA TYR B 49 -5.25 -11.08 5.85
C TYR B 49 -5.14 -11.54 4.42
N VAL B 50 -4.75 -12.80 4.29
CA VAL B 50 -4.48 -13.41 3.02
C VAL B 50 -5.30 -14.68 2.91
N PHE B 51 -6.17 -14.72 1.90
CA PHE B 51 -6.84 -15.95 1.55
C PHE B 51 -6.05 -16.79 0.53
N VAL B 52 -5.32 -17.79 1.04
CA VAL B 52 -4.45 -18.63 0.22
C VAL B 52 -5.15 -19.32 -0.97
N ASP B 53 -6.40 -19.74 -0.76
CA ASP B 53 -7.10 -20.46 -1.81
C ASP B 53 -7.38 -19.56 -3.02
N LEU B 54 -7.36 -18.25 -2.81
CA LEU B 54 -7.75 -17.30 -3.86
C LEU B 54 -6.59 -16.80 -4.72
N LEU B 55 -5.37 -17.13 -4.31
CA LEU B 55 -4.18 -16.74 -5.06
C LEU B 55 -3.93 -17.59 -6.31
N GLU B 56 -3.40 -16.95 -7.34
CA GLU B 56 -2.91 -17.66 -8.51
C GLU B 56 -1.85 -18.65 -8.02
N GLU B 57 -1.63 -19.73 -8.77
CA GLU B 57 -0.93 -20.90 -8.25
C GLU B 57 0.49 -20.68 -7.70
N GLU B 58 1.32 -19.87 -8.37
CA GLU B 58 2.69 -19.63 -7.91
C GLU B 58 2.68 -18.80 -6.62
N GLU B 59 1.79 -17.82 -6.55
CA GLU B 59 1.64 -16.99 -5.35
C GLU B 59 1.10 -17.78 -4.15
N LYS B 60 0.09 -18.61 -4.38
CA LYS B 60 -0.49 -19.48 -3.36
C LYS B 60 0.57 -20.37 -2.71
N SER B 61 1.52 -20.80 -3.53
CA SER B 61 2.57 -21.70 -3.09
C SER B 61 3.62 -20.99 -2.24
N ASN B 62 3.86 -19.72 -2.55
CA ASN B 62 4.77 -18.94 -1.73
C ASN B 62 4.19 -18.75 -0.34
N ALA B 63 2.90 -18.42 -0.29
CA ALA B 63 2.21 -18.19 0.97
C ALA B 63 2.18 -19.45 1.81
N ILE B 64 2.01 -20.60 1.16
CA ILE B 64 2.03 -21.88 1.86
C ILE B 64 3.39 -22.13 2.51
N LYS B 65 4.47 -21.83 1.80
CA LYS B 65 5.82 -22.05 2.35
C LYS B 65 6.07 -21.13 3.53
N GLN B 66 5.52 -19.93 3.46
CA GLN B 66 5.65 -18.98 4.55
C GLN B 66 4.92 -19.47 5.79
N VAL B 67 3.66 -19.88 5.62
CA VAL B 67 2.87 -20.40 6.72
C VAL B 67 3.57 -21.59 7.37
N SER B 68 4.14 -22.46 6.54
CA SER B 68 4.79 -23.68 7.00
C SER B 68 6.08 -23.43 7.79
N ARG B 69 6.69 -22.27 7.55
CA ARG B 69 7.87 -21.80 8.30
C ARG B 69 7.57 -21.60 9.79
N PHE B 70 6.35 -21.21 10.09
CA PHE B 70 5.95 -20.95 11.48
C PHE B 70 5.01 -22.02 11.97
N ASN B 71 4.35 -22.69 11.04
CA ASN B 71 3.38 -23.74 11.35
C ASN B 71 3.53 -24.93 10.40
N PRO B 72 4.41 -25.87 10.75
CA PRO B 72 4.65 -27.05 9.89
C PRO B 72 3.39 -27.88 9.58
N SER B 73 2.35 -27.78 10.40
CA SER B 73 1.09 -28.46 10.12
C SER B 73 0.39 -27.87 8.90
N VAL B 74 0.80 -26.66 8.50
CA VAL B 74 0.21 -25.95 7.37
C VAL B 74 -1.31 -25.87 7.53
N SER B 75 -1.73 -25.51 8.74
CA SER B 75 -3.17 -25.39 9.01
C SER B 75 -3.63 -23.92 9.02
N PHE B 76 -4.94 -23.73 8.88
CA PHE B 76 -5.51 -22.39 8.83
C PHE B 76 -6.64 -22.21 9.83
N PRO B 77 -6.73 -21.01 10.43
CA PRO B 77 -5.88 -19.86 10.12
C PRO B 77 -4.48 -19.90 10.79
N THR B 78 -3.46 -19.30 10.16
CA THR B 78 -2.19 -19.08 10.85
C THR B 78 -1.91 -17.56 10.93
N THR B 79 -2.03 -16.99 12.11
CA THR B 79 -1.71 -15.57 12.29
C THR B 79 -0.26 -15.41 12.73
N ILE B 80 0.51 -14.71 11.91
CA ILE B 80 1.94 -14.48 12.16
C ILE B 80 2.13 -13.05 12.67
N LEU B 81 2.72 -12.94 13.86
CA LEU B 81 2.88 -11.66 14.53
C LEU B 81 4.33 -11.27 14.52
N ASN B 82 4.64 -10.10 13.95
CA ASN B 82 6.01 -9.54 13.94
C ASN B 82 7.10 -10.41 13.29
N ASP B 83 6.67 -11.33 12.43
CA ASP B 83 7.55 -12.26 11.74
C ASP B 83 8.31 -13.17 12.70
N GLU B 84 7.78 -13.31 13.92
CA GLU B 84 8.39 -14.12 14.97
C GLU B 84 7.39 -15.07 15.63
N LYS B 85 6.20 -14.58 15.93
CA LYS B 85 5.21 -15.32 16.70
C LYS B 85 4.13 -15.78 15.74
N ALA B 86 3.56 -16.96 15.99
CA ALA B 86 2.44 -17.45 15.21
C ALA B 86 1.32 -17.95 16.10
N ILE B 87 0.07 -17.62 15.76
CA ILE B 87 -1.06 -18.18 16.46
C ILE B 87 -1.90 -19.02 15.49
N VAL B 88 -1.96 -20.34 15.74
CA VAL B 88 -2.71 -21.26 14.90
C VAL B 88 -4.10 -21.51 15.46
N GLY B 89 -5.11 -21.33 14.61
CA GLY B 89 -6.50 -21.54 14.99
C GLY B 89 -7.25 -20.27 15.37
N PHE B 90 -8.57 -20.37 15.49
CA PHE B 90 -9.37 -19.25 16.00
C PHE B 90 -9.27 -19.19 17.53
N LYS B 91 -8.17 -18.64 18.05
CA LYS B 91 -7.92 -18.60 19.49
C LYS B 91 -8.15 -17.22 20.10
N GLU B 92 -9.38 -16.97 20.53
CA GLU B 92 -9.85 -15.64 20.95
C GLU B 92 -9.14 -14.97 22.13
N LYS B 93 -9.10 -15.60 23.29
CA LYS B 93 -8.37 -15.02 24.43
C LYS B 93 -6.90 -14.76 24.05
N GLN B 94 -6.29 -15.77 23.44
CA GLN B 94 -4.90 -15.72 23.03
C GLN B 94 -4.62 -14.60 22.02
N ILE B 95 -5.49 -14.43 21.04
CA ILE B 95 -5.31 -13.36 20.05
C ILE B 95 -5.53 -11.98 20.67
N ARG B 96 -6.62 -11.84 21.44
CA ARG B 96 -6.89 -10.61 22.19
C ARG B 96 -5.72 -10.18 23.05
N GLU B 97 -5.23 -11.14 23.82
CA GLU B 97 -4.14 -10.90 24.75
C GLU B 97 -2.86 -10.57 23.99
N ALA B 98 -2.67 -11.22 22.84
CA ALA B 98 -1.46 -11.04 22.06
C ALA B 98 -1.41 -9.66 21.48
N LEU B 99 -2.56 -8.98 21.48
CA LEU B 99 -2.64 -7.65 20.94
C LEU B 99 -3.00 -6.60 21.99
N GLY B 100 -3.21 -7.00 23.24
CA GLY B 100 -3.40 -6.04 24.31
C GLY B 100 -4.80 -5.54 24.59
N ASP C 7 -10.92 2.50 1.86
CA ASP C 7 -11.44 2.78 0.53
C ASP C 7 -11.89 1.48 -0.13
N THR C 8 -11.48 0.36 0.49
CA THR C 8 -11.94 -1.02 0.22
C THR C 8 -11.18 -1.63 -0.96
N ASP C 9 -10.86 -0.76 -1.92
CA ASP C 9 -9.99 -1.11 -3.01
C ASP C 9 -8.82 -1.75 -2.31
N LYS C 10 -8.80 -3.08 -2.22
CA LYS C 10 -7.63 -3.73 -1.61
C LYS C 10 -7.30 -5.20 -1.91
N GLY C 11 -6.59 -5.43 -3.01
CA GLY C 11 -6.17 -6.76 -3.44
C GLY C 11 -5.14 -6.44 -4.49
N LYS C 12 -3.90 -6.16 -4.10
CA LYS C 12 -3.02 -5.59 -5.09
C LYS C 12 -2.32 -6.71 -5.82
N HIS C 13 -2.43 -6.71 -7.13
CA HIS C 13 -1.68 -7.74 -7.84
C HIS C 13 -0.70 -7.22 -8.89
N VAL C 14 -0.18 -8.23 -9.59
CA VAL C 14 1.04 -8.26 -10.43
C VAL C 14 2.10 -7.15 -10.21
N SER C 15 1.74 -6.01 -9.62
CA SER C 15 2.64 -4.86 -9.52
C SER C 15 3.32 -4.81 -10.85
N GLY C 16 2.48 -4.83 -11.87
CA GLY C 16 2.91 -5.15 -13.21
C GLY C 16 3.01 -3.85 -13.94
N ILE C 17 3.07 -3.97 -15.26
CA ILE C 17 3.22 -2.86 -16.15
C ILE C 17 2.07 -1.86 -15.92
N ASP C 18 2.42 -0.59 -15.88
CA ASP C 18 1.45 0.47 -15.63
C ASP C 18 0.67 0.89 -16.85
N ARG C 19 -0.63 0.62 -16.75
CA ARG C 19 -1.58 0.94 -17.78
C ARG C 19 -2.79 1.68 -17.16
N GLY C 20 -2.52 2.61 -16.24
CA GLY C 20 -3.58 3.37 -15.61
C GLY C 20 -4.15 2.70 -14.37
N LYS C 21 -5.32 3.16 -13.94
CA LYS C 21 -5.96 2.66 -12.70
C LYS C 21 -6.97 1.52 -12.99
N ILE C 22 -6.65 0.32 -12.52
CA ILE C 22 -7.44 -0.85 -12.87
C ILE C 22 -7.98 -1.50 -11.61
N VAL C 23 -9.30 -1.51 -11.43
CA VAL C 23 -9.85 -2.13 -10.23
C VAL C 23 -10.97 -3.11 -10.57
N MET C 24 -10.79 -4.39 -10.24
CA MET C 24 -11.86 -5.32 -10.51
C MET C 24 -12.61 -5.78 -9.28
N TYR C 25 -13.92 -5.66 -9.35
CA TYR C 25 -14.80 -6.14 -8.34
C TYR C 25 -15.39 -7.49 -8.77
N GLY C 26 -15.25 -8.51 -7.93
CA GLY C 26 -15.81 -9.83 -8.25
C GLY C 26 -16.43 -10.50 -7.03
N LEU C 27 -16.92 -11.72 -7.21
CA LEU C 27 -17.33 -12.57 -6.09
C LEU C 27 -16.36 -13.74 -6.06
N SER C 28 -15.89 -14.09 -4.87
CA SER C 28 -14.81 -15.08 -4.76
C SER C 28 -15.30 -16.44 -5.24
N THR C 29 -16.62 -16.59 -5.30
CA THR C 29 -17.23 -17.86 -5.60
C THR C 29 -17.75 -18.00 -7.03
N CYS C 30 -17.42 -17.05 -7.91
CA CYS C 30 -17.86 -17.17 -9.30
C CYS C 30 -16.68 -17.26 -10.27
N VAL C 31 -16.77 -18.25 -11.17
CA VAL C 31 -15.68 -18.61 -12.08
C VAL C 31 -15.30 -17.50 -13.03
N TRP C 32 -16.28 -16.78 -13.54
CA TRP C 32 -15.99 -15.75 -14.53
C TRP C 32 -15.41 -14.53 -13.84
N CYS C 33 -15.79 -14.31 -12.59
CA CYS C 33 -15.12 -13.30 -11.80
C CYS C 33 -13.64 -13.63 -11.64
N LYS C 34 -13.37 -14.88 -11.30
CA LYS C 34 -12.02 -15.34 -11.03
C LYS C 34 -11.15 -15.43 -12.28
N LYS C 35 -11.75 -15.90 -13.36
CA LYS C 35 -11.03 -15.95 -14.64
C LYS C 35 -10.74 -14.53 -15.13
N THR C 36 -11.59 -13.58 -14.76
CA THR C 36 -11.34 -12.17 -15.08
C THR C 36 -10.08 -11.69 -14.35
N LYS C 37 -9.98 -11.98 -13.07
CA LYS C 37 -8.79 -11.62 -12.33
C LYS C 37 -7.53 -12.36 -12.82
N LYS C 38 -7.67 -13.63 -13.17
CA LYS C 38 -6.55 -14.39 -13.71
C LYS C 38 -6.13 -13.82 -15.06
N LEU C 39 -7.11 -13.33 -15.82
CA LEU C 39 -6.83 -12.70 -17.09
C LEU C 39 -5.96 -11.45 -16.87
N LEU C 40 -6.32 -10.60 -15.92
CA LEU C 40 -5.49 -9.44 -15.57
C LEU C 40 -4.07 -9.83 -15.12
N THR C 41 -3.95 -10.89 -14.33
CA THR C 41 -2.63 -11.35 -13.89
C THR C 41 -1.78 -11.85 -15.04
N ASP C 42 -2.42 -12.60 -15.95
CA ASP C 42 -1.77 -13.12 -17.14
C ASP C 42 -1.31 -11.95 -18.04
N LEU C 43 -2.12 -10.89 -18.12
CA LEU C 43 -1.73 -9.69 -18.85
C LEU C 43 -0.54 -8.96 -18.19
N GLY C 44 -0.29 -9.28 -16.93
CA GLY C 44 0.88 -8.77 -16.24
C GLY C 44 0.76 -7.30 -15.95
N VAL C 45 -0.49 -6.83 -15.90
CA VAL C 45 -0.75 -5.42 -15.63
C VAL C 45 -0.79 -5.12 -14.13
N ASP C 46 -0.56 -3.85 -13.81
CA ASP C 46 -0.68 -3.35 -12.47
C ASP C 46 -2.15 -3.11 -12.18
N PHE C 47 -2.70 -3.79 -11.15
CA PHE C 47 -4.12 -3.63 -10.86
C PHE C 47 -4.54 -4.02 -9.43
N GLU C 48 -5.79 -3.76 -9.16
CA GLU C 48 -6.40 -4.04 -7.88
C GLU C 48 -7.62 -4.93 -8.06
N TYR C 49 -7.83 -5.90 -7.19
CA TYR C 49 -9.09 -6.63 -7.22
C TYR C 49 -9.68 -6.71 -5.81
N VAL C 50 -11.00 -6.71 -5.77
CA VAL C 50 -11.83 -6.74 -4.56
C VAL C 50 -12.79 -7.90 -4.76
N PHE C 51 -12.74 -8.91 -3.87
CA PHE C 51 -13.79 -9.94 -3.80
C PHE C 51 -14.87 -9.53 -2.81
N VAL C 52 -15.92 -8.92 -3.32
CA VAL C 52 -16.98 -8.31 -2.51
C VAL C 52 -17.66 -9.24 -1.49
N ASP C 53 -17.81 -10.51 -1.84
CA ASP C 53 -18.50 -11.43 -0.96
C ASP C 53 -17.73 -11.62 0.33
N LEU C 54 -16.44 -11.30 0.30
CA LEU C 54 -15.54 -11.52 1.41
C LEU C 54 -15.39 -10.29 2.35
N LEU C 55 -15.96 -9.17 1.95
CA LEU C 55 -15.91 -7.97 2.77
C LEU C 55 -16.88 -7.99 3.93
N GLU C 56 -16.46 -7.43 5.06
CA GLU C 56 -17.36 -7.22 6.20
C GLU C 56 -18.51 -6.35 5.72
N GLU C 57 -19.64 -6.40 6.42
CA GLU C 57 -20.91 -5.91 5.91
C GLU C 57 -20.88 -4.48 5.42
N GLU C 58 -20.24 -3.59 6.18
CA GLU C 58 -20.20 -2.18 5.83
C GLU C 58 -19.34 -1.92 4.59
N GLU C 59 -18.21 -2.61 4.47
CA GLU C 59 -17.35 -2.49 3.28
C GLU C 59 -18.06 -3.07 2.06
N LYS C 60 -18.72 -4.20 2.28
CA LYS C 60 -19.50 -4.84 1.24
C LYS C 60 -20.54 -3.90 0.63
N SER C 61 -21.08 -3.00 1.46
CA SER C 61 -22.10 -2.06 0.98
C SER C 61 -21.51 -0.90 0.20
N ASN C 62 -20.30 -0.47 0.58
CA ASN C 62 -19.61 0.60 -0.12
C ASN C 62 -19.29 0.18 -1.53
N ALA C 63 -18.76 -1.02 -1.65
CA ALA C 63 -18.33 -1.59 -2.93
C ALA C 63 -19.48 -1.76 -3.91
N ILE C 64 -20.62 -2.20 -3.39
CA ILE C 64 -21.81 -2.40 -4.23
C ILE C 64 -22.27 -1.08 -4.85
N LYS C 65 -22.27 -0.03 -4.02
CA LYS C 65 -22.67 1.30 -4.45
C LYS C 65 -21.67 1.87 -5.43
N GLN C 66 -20.40 1.52 -5.25
CA GLN C 66 -19.38 1.95 -6.20
C GLN C 66 -19.60 1.25 -7.54
N VAL C 67 -19.73 -0.07 -7.48
CA VAL C 67 -20.02 -0.86 -8.67
C VAL C 67 -21.29 -0.31 -9.35
N SER C 68 -22.27 0.07 -8.55
CA SER C 68 -23.56 0.50 -9.08
C SER C 68 -23.51 1.81 -9.84
N ARG C 69 -22.55 2.67 -9.50
CA ARG C 69 -22.31 3.94 -10.20
C ARG C 69 -21.87 3.77 -11.65
N PHE C 70 -21.17 2.66 -11.92
CA PHE C 70 -20.67 2.35 -13.25
C PHE C 70 -21.48 1.21 -13.86
N ASN C 71 -22.11 0.40 -13.02
CA ASN C 71 -22.81 -0.79 -13.47
C ASN C 71 -24.12 -0.89 -12.73
N PRO C 72 -25.17 -0.26 -13.26
CA PRO C 72 -26.48 -0.27 -12.61
C PRO C 72 -27.05 -1.68 -12.39
N SER C 73 -26.61 -2.67 -13.18
CA SER C 73 -27.03 -4.05 -12.95
C SER C 73 -26.47 -4.57 -11.65
N VAL C 74 -25.37 -3.95 -11.23
CA VAL C 74 -24.60 -4.39 -10.08
C VAL C 74 -24.30 -5.88 -10.24
N SER C 75 -23.78 -6.23 -11.40
CA SER C 75 -23.34 -7.59 -11.62
C SER C 75 -21.81 -7.64 -11.55
N PHE C 76 -21.27 -8.83 -11.35
CA PHE C 76 -19.83 -9.01 -11.21
C PHE C 76 -19.37 -10.01 -12.25
N PRO C 77 -18.15 -9.84 -12.80
CA PRO C 77 -17.20 -8.79 -12.43
C PRO C 77 -17.45 -7.43 -13.12
N THR C 78 -17.13 -6.38 -12.38
CA THR C 78 -17.08 -5.05 -12.94
C THR C 78 -15.69 -4.47 -12.75
N THR C 79 -15.00 -4.30 -13.87
CA THR C 79 -13.71 -3.66 -13.91
C THR C 79 -13.82 -2.17 -14.17
N ILE C 80 -13.34 -1.37 -13.24
CA ILE C 80 -13.41 0.08 -13.38
C ILE C 80 -12.03 0.64 -13.77
N LEU C 81 -11.98 1.35 -14.89
CA LEU C 81 -10.71 1.89 -15.41
C LEU C 81 -10.68 3.42 -15.28
N ASN C 82 -9.65 3.92 -14.59
CA ASN C 82 -9.40 5.35 -14.40
C ASN C 82 -10.54 6.07 -13.71
N ASP C 83 -11.36 5.37 -12.95
CA ASP C 83 -12.52 5.99 -12.30
C ASP C 83 -13.48 6.58 -13.32
N GLU C 84 -13.41 6.10 -14.56
CA GLU C 84 -14.30 6.57 -15.63
C GLU C 84 -15.00 5.45 -16.42
N LYS C 85 -14.25 4.41 -16.81
CA LYS C 85 -14.76 3.36 -17.68
C LYS C 85 -14.97 2.06 -16.95
N ALA C 86 -16.02 1.36 -17.32
CA ALA C 86 -16.29 0.08 -16.74
C ALA C 86 -16.48 -0.96 -17.84
N ILE C 87 -15.87 -2.11 -17.64
CA ILE C 87 -16.03 -3.26 -18.51
C ILE C 87 -16.81 -4.24 -17.65
N VAL C 88 -18.01 -4.59 -18.11
CA VAL C 88 -18.86 -5.55 -17.41
C VAL C 88 -18.76 -6.95 -18.03
N GLY C 89 -18.44 -7.95 -17.19
CA GLY C 89 -18.30 -9.32 -17.64
C GLY C 89 -16.87 -9.78 -17.90
N PHE C 90 -16.71 -11.09 -18.07
CA PHE C 90 -15.43 -11.65 -18.47
C PHE C 90 -15.26 -11.42 -19.98
N LYS C 91 -14.90 -10.19 -20.32
CA LYS C 91 -14.73 -9.79 -21.72
C LYS C 91 -13.25 -9.56 -22.11
N GLU C 92 -12.60 -10.63 -22.52
CA GLU C 92 -11.16 -10.65 -22.80
C GLU C 92 -10.70 -9.61 -23.84
N LYS C 93 -11.32 -9.60 -25.03
CA LYS C 93 -10.96 -8.65 -26.07
C LYS C 93 -11.02 -7.20 -25.61
N GLN C 94 -12.14 -6.87 -24.99
CA GLN C 94 -12.42 -5.52 -24.55
C GLN C 94 -11.40 -5.11 -23.48
N ILE C 95 -11.09 -6.04 -22.57
CA ILE C 95 -10.10 -5.80 -21.54
C ILE C 95 -8.70 -5.67 -22.16
N ARG C 96 -8.35 -6.59 -23.05
CA ARG C 96 -7.06 -6.50 -23.74
C ARG C 96 -6.97 -5.17 -24.49
N GLU C 97 -8.00 -4.84 -25.27
CA GLU C 97 -7.98 -3.63 -26.09
C GLU C 97 -7.86 -2.37 -25.24
N ALA C 98 -8.54 -2.34 -24.09
CA ALA C 98 -8.55 -1.15 -23.23
C ALA C 98 -7.24 -0.94 -22.47
N LEU C 99 -6.39 -1.95 -22.41
CA LEU C 99 -5.14 -1.79 -21.68
C LEU C 99 -3.91 -1.81 -22.57
N GLY C 100 -4.11 -1.83 -23.88
CA GLY C 100 -3.00 -1.77 -24.81
C GLY C 100 -2.52 -3.14 -25.20
N PHE C 101 -3.45 -4.07 -25.36
CA PHE C 101 -3.13 -5.39 -25.88
C PHE C 101 -4.05 -5.68 -27.07
N LYS D 6 12.11 0.60 -7.79
CA LYS D 6 11.17 -0.50 -7.60
C LYS D 6 9.74 0.06 -7.62
N ASP D 7 9.19 0.16 -8.83
CA ASP D 7 7.97 0.90 -9.22
C ASP D 7 7.79 2.29 -8.61
N THR D 8 7.08 3.18 -9.31
CA THR D 8 6.73 4.52 -8.81
C THR D 8 5.60 4.69 -7.79
N ASP D 9 5.91 4.21 -6.59
CA ASP D 9 5.14 4.38 -5.38
C ASP D 9 5.61 5.33 -4.29
N LYS D 10 4.67 5.49 -3.37
CA LYS D 10 4.81 5.92 -1.97
C LYS D 10 4.93 7.41 -1.82
N GLY D 11 4.27 7.87 -0.77
CA GLY D 11 3.91 9.26 -0.56
C GLY D 11 2.48 9.17 -1.06
N LYS D 12 1.68 8.35 -0.39
CA LYS D 12 0.31 8.11 -0.80
C LYS D 12 -0.67 8.94 0.01
N HIS D 13 -1.68 9.47 -0.65
CA HIS D 13 -2.72 10.14 0.08
C HIS D 13 -3.97 9.33 0.18
N VAL D 14 -4.03 8.54 1.27
CA VAL D 14 -4.97 7.45 1.56
C VAL D 14 -6.41 7.99 1.44
N SER D 15 -6.44 9.31 1.41
CA SER D 15 -7.59 10.17 1.32
C SER D 15 -7.25 10.95 0.08
N GLY D 16 -8.09 10.89 -0.95
CA GLY D 16 -9.42 10.34 -0.82
C GLY D 16 -10.13 10.16 -2.12
N ILE D 17 -10.72 11.24 -2.63
CA ILE D 17 -11.57 11.19 -3.82
C ILE D 17 -10.86 10.62 -5.04
N ASP D 18 -11.50 9.65 -5.67
CA ASP D 18 -10.92 9.00 -6.82
C ASP D 18 -11.20 9.75 -8.12
N ARG D 19 -10.14 10.31 -8.72
CA ARG D 19 -10.26 11.04 -9.97
C ARG D 19 -9.20 10.54 -10.95
N GLY D 20 -9.07 9.21 -11.01
CA GLY D 20 -8.11 8.54 -11.86
C GLY D 20 -6.76 8.31 -11.18
N LYS D 21 -5.74 7.98 -11.97
CA LYS D 21 -4.41 7.69 -11.44
C LYS D 21 -3.56 8.94 -11.50
N ILE D 22 -3.17 9.44 -10.33
CA ILE D 22 -2.45 10.69 -10.20
C ILE D 22 -1.12 10.45 -9.48
N VAL D 23 -0.01 10.67 -10.18
CA VAL D 23 1.32 10.55 -9.58
C VAL D 23 2.15 11.80 -9.87
N MET D 24 2.54 12.53 -8.83
CA MET D 24 3.38 13.72 -9.00
C MET D 24 4.83 13.41 -8.65
N TYR D 25 5.72 13.72 -9.58
CA TYR D 25 7.16 13.61 -9.37
C TYR D 25 7.71 14.96 -9.12
N GLY D 26 8.38 15.14 -7.98
CA GLY D 26 8.96 16.42 -7.61
C GLY D 26 10.32 16.35 -6.94
N LEU D 27 10.85 17.50 -6.57
CA LEU D 27 12.02 17.58 -5.72
C LEU D 27 11.61 18.11 -4.34
N SER D 28 12.15 17.49 -3.29
CA SER D 28 11.78 17.87 -1.92
C SER D 28 12.18 19.30 -1.60
N THR D 29 13.10 19.87 -2.38
CA THR D 29 13.67 21.19 -2.12
C THR D 29 13.05 22.29 -2.97
N CYS D 30 11.94 22.03 -3.64
CA CYS D 30 11.37 23.06 -4.48
C CYS D 30 10.01 23.56 -4.06
N VAL D 31 9.91 24.88 -4.06
CA VAL D 31 8.71 25.60 -3.62
C VAL D 31 7.54 25.20 -4.50
N TRP D 32 7.78 25.09 -5.79
CA TRP D 32 6.77 24.79 -6.78
C TRP D 32 6.38 23.32 -6.82
N CYS D 33 7.34 22.46 -6.50
CA CYS D 33 7.05 21.05 -6.30
C CYS D 33 6.16 20.94 -5.07
N LYS D 34 6.48 21.74 -4.08
CA LYS D 34 5.71 21.73 -2.84
C LYS D 34 4.34 22.37 -3.01
N LYS D 35 4.25 23.47 -3.75
CA LYS D 35 2.96 24.10 -3.98
C LYS D 35 2.03 23.18 -4.75
N THR D 36 2.58 22.39 -5.67
CA THR D 36 1.77 21.45 -6.43
C THR D 36 1.21 20.34 -5.54
N LYS D 37 2.08 19.71 -4.76
CA LYS D 37 1.64 18.62 -3.92
C LYS D 37 0.61 19.07 -2.91
N LYS D 38 0.80 20.28 -2.37
CA LYS D 38 -0.17 20.88 -1.47
C LYS D 38 -1.50 21.13 -2.16
N LEU D 39 -1.47 21.47 -3.45
CA LEU D 39 -2.72 21.76 -4.16
C LEU D 39 -3.57 20.50 -4.25
N LEU D 40 -2.94 19.40 -4.67
CA LEU D 40 -3.59 18.10 -4.77
C LEU D 40 -4.18 17.71 -3.42
N THR D 41 -3.44 18.04 -2.36
CA THR D 41 -3.88 17.84 -1.00
C THR D 41 -5.11 18.70 -0.74
N ASP D 42 -5.06 19.95 -1.19
CA ASP D 42 -6.15 20.88 -0.99
C ASP D 42 -7.41 20.46 -1.73
N LEU D 43 -7.28 19.97 -2.96
CA LEU D 43 -8.46 19.51 -3.68
C LEU D 43 -9.08 18.27 -3.03
N GLY D 44 -8.27 17.56 -2.23
CA GLY D 44 -8.70 16.38 -1.51
C GLY D 44 -8.81 15.12 -2.34
N VAL D 45 -8.10 15.09 -3.46
CA VAL D 45 -8.09 13.91 -4.32
C VAL D 45 -7.10 12.88 -3.81
N ASP D 46 -7.31 11.66 -4.29
CA ASP D 46 -6.50 10.50 -4.03
C ASP D 46 -5.25 10.51 -4.91
N PHE D 47 -4.06 10.50 -4.31
CA PHE D 47 -2.84 10.56 -5.12
C PHE D 47 -1.54 10.09 -4.49
N GLU D 48 -0.53 10.10 -5.34
CA GLU D 48 0.80 9.67 -5.01
C GLU D 48 1.78 10.79 -5.35
N TYR D 49 2.77 11.00 -4.50
CA TYR D 49 3.84 11.90 -4.90
C TYR D 49 5.19 11.30 -4.57
N VAL D 50 6.14 11.58 -5.44
CA VAL D 50 7.47 11.02 -5.34
C VAL D 50 8.46 12.18 -5.35
N PHE D 51 9.24 12.30 -4.28
CA PHE D 51 10.38 13.24 -4.28
C PHE D 51 11.66 12.56 -4.77
N VAL D 52 11.98 12.75 -6.05
CA VAL D 52 13.10 12.08 -6.71
C VAL D 52 14.43 12.28 -5.99
N ASP D 53 14.65 13.49 -5.46
CA ASP D 53 15.91 13.83 -4.82
C ASP D 53 16.18 13.02 -3.54
N LEU D 54 15.13 12.49 -2.95
CA LEU D 54 15.25 11.78 -1.67
C LEU D 54 15.44 10.28 -1.84
N LEU D 55 15.33 9.81 -3.08
CA LEU D 55 15.45 8.38 -3.35
C LEU D 55 16.92 7.96 -3.33
N GLU D 56 17.23 6.78 -2.78
CA GLU D 56 18.56 6.22 -2.90
C GLU D 56 18.87 6.06 -4.38
N GLU D 57 20.13 6.05 -4.77
CA GLU D 57 20.50 6.31 -6.16
C GLU D 57 19.89 5.43 -7.26
N GLU D 58 19.80 4.13 -7.05
CA GLU D 58 19.29 3.29 -8.13
C GLU D 58 17.81 3.57 -8.39
N GLU D 59 17.04 3.75 -7.31
CA GLU D 59 15.61 4.04 -7.42
C GLU D 59 15.37 5.42 -8.04
N LYS D 60 16.19 6.39 -7.65
CA LYS D 60 16.11 7.74 -8.20
C LYS D 60 16.19 7.76 -9.73
N SER D 61 16.98 6.87 -10.30
CA SER D 61 17.19 6.80 -11.73
C SER D 61 15.97 6.23 -12.45
N ASN D 62 15.22 5.35 -11.77
CA ASN D 62 13.99 4.81 -12.33
C ASN D 62 12.99 5.93 -12.56
N ALA D 63 12.83 6.76 -11.53
CA ALA D 63 11.87 7.85 -11.55
C ALA D 63 12.20 8.88 -12.62
N ILE D 64 13.48 9.18 -12.82
CA ILE D 64 13.91 10.13 -13.84
C ILE D 64 13.55 9.63 -15.24
N LYS D 65 13.77 8.33 -15.47
CA LYS D 65 13.46 7.72 -16.75
C LYS D 65 11.97 7.71 -17.00
N GLN D 66 11.18 7.51 -15.95
CA GLN D 66 9.73 7.52 -16.08
C GLN D 66 9.27 8.94 -16.38
N VAL D 67 9.80 9.89 -15.61
CA VAL D 67 9.47 11.30 -15.81
C VAL D 67 9.73 11.71 -17.25
N SER D 68 10.86 11.25 -17.77
CA SER D 68 11.28 11.66 -19.10
C SER D 68 10.39 11.08 -20.21
N ARG D 69 9.74 9.94 -19.95
CA ARG D 69 8.84 9.38 -20.97
C ARG D 69 7.66 10.30 -21.28
N PHE D 70 7.26 11.11 -20.32
CA PHE D 70 6.15 12.01 -20.53
C PHE D 70 6.65 13.45 -20.59
N ASN D 71 7.85 13.65 -20.04
CA ASN D 71 8.45 14.97 -19.95
C ASN D 71 9.94 14.92 -20.27
N PRO D 72 10.29 15.06 -21.55
CA PRO D 72 11.68 15.05 -22.04
C PRO D 72 12.60 16.11 -21.41
N SER D 73 12.01 17.20 -20.91
CA SER D 73 12.79 18.23 -20.21
C SER D 73 13.29 17.69 -18.88
N VAL D 74 12.62 16.65 -18.39
CA VAL D 74 12.90 16.06 -17.08
C VAL D 74 12.92 17.19 -16.06
N SER D 75 11.87 18.00 -16.11
CA SER D 75 11.68 19.11 -15.18
C SER D 75 10.66 18.72 -14.12
N PHE D 76 10.66 19.43 -13.01
CA PHE D 76 9.77 19.10 -11.93
C PHE D 76 8.97 20.32 -11.49
N PRO D 77 7.70 20.14 -11.12
CA PRO D 77 6.99 18.85 -11.04
C PRO D 77 6.46 18.33 -12.39
N THR D 78 6.40 17.00 -12.51
CA THR D 78 5.67 16.35 -13.60
C THR D 78 4.58 15.47 -12.99
N THR D 79 3.33 15.88 -13.17
CA THR D 79 2.21 15.08 -12.70
C THR D 79 1.70 14.20 -13.84
N ILE D 80 1.78 12.89 -13.65
CA ILE D 80 1.37 11.93 -14.67
C ILE D 80 -0.01 11.37 -14.31
N LEU D 81 -0.93 11.48 -15.25
CA LEU D 81 -2.32 11.09 -15.08
C LEU D 81 -2.70 9.85 -15.93
N ASN D 82 -3.18 8.80 -15.26
CA ASN D 82 -3.64 7.55 -15.89
C ASN D 82 -2.57 6.84 -16.73
N ASP D 83 -1.31 7.17 -16.47
CA ASP D 83 -0.20 6.65 -17.24
C ASP D 83 -0.27 7.04 -18.72
N GLU D 84 -1.00 8.09 -19.07
CA GLU D 84 -1.12 8.45 -20.49
C GLU D 84 -0.80 9.93 -20.73
N LYS D 85 -1.35 10.82 -19.89
CA LYS D 85 -1.18 12.27 -20.05
C LYS D 85 -0.35 12.83 -18.91
N ALA D 86 0.41 13.89 -19.17
CA ALA D 86 1.25 14.53 -18.13
C ALA D 86 1.11 16.06 -18.05
N ILE D 87 1.10 16.59 -16.81
CA ILE D 87 1.09 18.05 -16.60
C ILE D 87 2.40 18.49 -16.00
N VAL D 88 3.13 19.34 -16.73
CA VAL D 88 4.42 19.83 -16.27
C VAL D 88 4.29 21.21 -15.63
N GLY D 89 4.75 21.31 -14.38
CA GLY D 89 4.69 22.55 -13.64
C GLY D 89 3.53 22.68 -12.68
N PHE D 90 3.62 23.68 -11.80
CA PHE D 90 2.54 24.04 -10.89
C PHE D 90 1.49 24.85 -11.66
N LYS D 91 0.69 24.14 -12.45
CA LYS D 91 -0.30 24.77 -13.30
C LYS D 91 -1.67 24.54 -12.67
N GLU D 92 -2.05 25.47 -11.81
CA GLU D 92 -3.23 25.33 -10.97
C GLU D 92 -4.56 25.13 -11.71
N LYS D 93 -4.94 26.03 -12.63
CA LYS D 93 -6.20 25.86 -13.36
C LYS D 93 -6.24 24.53 -14.07
N GLN D 94 -5.12 24.23 -14.72
CA GLN D 94 -4.95 23.02 -15.50
C GLN D 94 -5.07 21.74 -14.68
N ILE D 95 -4.48 21.74 -13.49
CA ILE D 95 -4.56 20.57 -12.62
C ILE D 95 -5.98 20.35 -12.11
N ARG D 96 -6.63 21.40 -11.63
CA ARG D 96 -8.02 21.33 -11.18
C ARG D 96 -8.99 20.79 -12.24
N GLU D 97 -8.90 21.39 -13.41
CA GLU D 97 -9.79 21.08 -14.52
C GLU D 97 -9.61 19.63 -14.97
N ALA D 98 -8.37 19.14 -14.94
CA ALA D 98 -8.05 17.78 -15.37
C ALA D 98 -8.56 16.73 -14.36
N LEU D 99 -8.88 17.18 -13.15
CA LEU D 99 -9.37 16.32 -12.10
C LEU D 99 -10.85 16.60 -11.73
N GLY D 100 -11.46 17.57 -12.41
CA GLY D 100 -12.88 17.85 -12.25
C GLY D 100 -13.28 18.87 -11.20
N PHE D 101 -12.45 19.88 -11.00
CA PHE D 101 -12.77 20.95 -10.04
C PHE D 101 -12.70 22.32 -10.70
#